data_6K62
#
_entry.id   6K62
#
_cell.length_a   105.137
_cell.length_b   105.137
_cell.length_c   103.671
_cell.angle_alpha   90.00
_cell.angle_beta   90.00
_cell.angle_gamma   120.00
#
_symmetry.space_group_name_H-M   'P 32 2 1'
#
loop_
_entity.id
_entity.type
_entity.pdbx_description
1 polymer 'Histidine kinase'
2 water water
#
_entity_poly.entity_id   1
_entity_poly.type   'polypeptide(L)'
_entity_poly.pdbx_seq_one_letter_code
;GPLGSHRHNELERERRFDMVVRVLARNISERMYTFEHGLRGARGAVIGAGSDVISRDRFTRYSRSRDYPREFPGVLGYGY
IHRVAAADEAAFLDAARADGAPDIQRRLLAPWDGERFIVLYFEPESSGNRPLGLDVASEPRRRIAAIAAARSGQPTMTSP
VSLSGYQTPSEGGFLVLLPVYREGMPLQTPQQRMDATTGWAYAPLSVKQMLESTLGDRDDVAISLSDREDTQHTFYRSGI
AAPESMRRAAHTQLLPIYGRTWVLTARPT
;
_entity_poly.pdbx_strand_id   A,B
#
# COMPACT_ATOMS: atom_id res chain seq x y z
N ARG A 15 17.06 4.55 -31.08
CA ARG A 15 15.66 4.80 -30.73
C ARG A 15 14.96 3.57 -30.11
N ARG A 16 14.88 2.45 -30.87
CA ARG A 16 14.22 1.18 -30.56
C ARG A 16 12.78 1.40 -30.07
N PHE A 17 11.85 1.61 -31.03
CA PHE A 17 10.46 1.87 -30.73
C PHE A 17 9.75 0.67 -30.12
N ASP A 18 10.14 -0.56 -30.53
CA ASP A 18 9.55 -1.79 -29.98
C ASP A 18 9.75 -1.84 -28.46
N MET A 19 10.88 -1.28 -27.99
CA MET A 19 11.22 -1.21 -26.58
C MET A 19 10.40 -0.16 -25.86
N VAL A 20 10.27 1.06 -26.45
CA VAL A 20 9.48 2.18 -25.93
C VAL A 20 8.07 1.69 -25.55
N VAL A 21 7.43 0.91 -26.45
CA VAL A 21 6.11 0.31 -26.27
C VAL A 21 6.11 -0.60 -25.03
N ARG A 22 7.08 -1.51 -24.96
CA ARG A 22 7.28 -2.48 -23.86
C ARG A 22 7.41 -1.78 -22.52
N VAL A 23 8.20 -0.67 -22.45
CA VAL A 23 8.37 0.08 -21.19
C VAL A 23 7.07 0.83 -20.89
N LEU A 24 6.38 1.32 -21.93
CA LEU A 24 5.11 2.02 -21.77
C LEU A 24 4.05 1.10 -21.20
N ALA A 25 3.99 -0.15 -21.68
CA ALA A 25 3.03 -1.15 -21.24
C ALA A 25 3.24 -1.48 -19.75
N ARG A 26 4.51 -1.66 -19.36
CA ARG A 26 5.02 -1.96 -18.03
C ARG A 26 4.62 -0.85 -17.06
N ASN A 27 4.68 0.41 -17.52
CA ASN A 27 4.30 1.61 -16.78
C ASN A 27 2.80 1.64 -16.49
N ILE A 28 1.98 1.33 -17.51
CA ILE A 28 0.53 1.29 -17.36
C ILE A 28 0.14 0.21 -16.35
N SER A 29 0.66 -1.01 -16.51
CA SER A 29 0.40 -2.17 -15.62
C SER A 29 0.83 -1.88 -14.20
N GLU A 30 2.08 -1.45 -14.02
CA GLU A 30 2.65 -1.11 -12.72
C GLU A 30 1.84 -0.06 -11.98
N ARG A 31 1.34 1.01 -12.66
CA ARG A 31 0.51 2.02 -12.01
C ARG A 31 -0.81 1.41 -11.58
N MET A 32 -1.39 0.56 -12.44
CA MET A 32 -2.66 -0.11 -12.18
C MET A 32 -2.55 -1.03 -11.00
N TYR A 33 -1.43 -1.75 -10.90
CA TYR A 33 -1.20 -2.73 -9.84
C TYR A 33 -0.80 -2.10 -8.48
N THR A 34 -0.50 -0.77 -8.43
CA THR A 34 -0.21 -0.10 -7.15
C THR A 34 -1.49 0.03 -6.32
N PHE A 35 -2.66 0.18 -7.01
CA PHE A 35 -3.95 0.38 -6.37
C PHE A 35 -4.38 -0.80 -5.54
N GLU A 36 -3.78 -1.97 -5.78
CA GLU A 36 -4.08 -3.21 -5.06
C GLU A 36 -3.76 -3.10 -3.56
N HIS A 37 -2.71 -2.36 -3.19
CA HIS A 37 -2.29 -2.16 -1.81
C HIS A 37 -3.41 -1.53 -0.98
N GLY A 38 -4.00 -0.46 -1.50
CA GLY A 38 -5.11 0.25 -0.89
C GLY A 38 -6.38 -0.59 -0.75
N LEU A 39 -6.61 -1.53 -1.69
CA LEU A 39 -7.77 -2.45 -1.65
C LEU A 39 -7.60 -3.39 -0.47
N ARG A 40 -6.39 -3.93 -0.31
CA ARG A 40 -6.07 -4.84 0.77
C ARG A 40 -6.03 -4.11 2.11
N GLY A 41 -5.66 -2.82 2.07
CA GLY A 41 -5.64 -1.91 3.21
C GLY A 41 -7.05 -1.63 3.71
N ALA A 42 -7.98 -1.29 2.78
CA ALA A 42 -9.38 -1.03 3.10
C ALA A 42 -10.03 -2.30 3.63
N ARG A 43 -9.77 -3.48 2.99
CA ARG A 43 -10.28 -4.77 3.46
C ARG A 43 -9.71 -5.11 4.83
N GLY A 44 -8.46 -4.73 5.04
CA GLY A 44 -7.74 -4.95 6.29
C GLY A 44 -8.39 -4.26 7.47
N ALA A 45 -8.97 -3.04 7.25
CA ALA A 45 -9.69 -2.25 8.27
C ALA A 45 -10.95 -3.01 8.68
N VAL A 46 -11.67 -3.55 7.66
CA VAL A 46 -12.87 -4.37 7.78
C VAL A 46 -12.51 -5.68 8.55
N ILE A 47 -11.34 -6.27 8.25
CA ILE A 47 -10.88 -7.50 8.95
C ILE A 47 -10.68 -7.23 10.48
N GLY A 48 -9.96 -6.15 10.82
CA GLY A 48 -9.67 -5.75 12.20
C GLY A 48 -10.90 -5.51 13.06
N ALA A 49 -12.03 -5.17 12.44
CA ALA A 49 -13.27 -4.95 13.18
C ALA A 49 -13.90 -6.28 13.58
N GLY A 50 -13.67 -7.30 12.75
CA GLY A 50 -14.17 -8.65 12.96
C GLY A 50 -15.46 -9.01 12.26
N SER A 51 -16.18 -9.98 12.85
CA SER A 51 -17.46 -10.56 12.43
C SER A 51 -18.53 -9.51 12.11
N ASP A 52 -18.78 -8.57 13.06
CA ASP A 52 -19.73 -7.46 12.88
C ASP A 52 -19.15 -6.42 11.94
N VAL A 53 -19.92 -6.03 10.90
CA VAL A 53 -19.51 -5.04 9.88
C VAL A 53 -18.99 -3.75 10.54
N ILE A 54 -17.85 -3.23 10.05
CA ILE A 54 -17.15 -2.03 10.54
C ILE A 54 -18.10 -0.81 10.68
N SER A 55 -17.88 0.02 11.72
CA SER A 55 -18.67 1.22 11.99
C SER A 55 -18.21 2.36 11.09
N ARG A 56 -19.05 3.39 10.95
CA ARG A 56 -18.74 4.57 10.13
C ARG A 56 -17.55 5.31 10.69
N ASP A 57 -17.45 5.41 12.03
CA ASP A 57 -16.39 6.09 12.75
C ASP A 57 -15.04 5.43 12.51
N ARG A 58 -14.95 4.10 12.72
CA ARG A 58 -13.71 3.34 12.52
C ARG A 58 -13.26 3.28 11.06
N PHE A 59 -14.20 3.24 10.08
CA PHE A 59 -13.81 3.24 8.66
C PHE A 59 -13.30 4.61 8.24
N THR A 60 -13.98 5.68 8.68
CA THR A 60 -13.59 7.06 8.41
C THR A 60 -12.22 7.33 9.06
N ARG A 61 -11.97 6.87 10.32
CA ARG A 61 -10.64 7.13 10.89
C ARG A 61 -9.57 6.22 10.25
N TYR A 62 -9.96 5.08 9.62
CA TYR A 62 -8.98 4.31 8.85
C TYR A 62 -8.64 5.14 7.58
N SER A 63 -9.67 5.67 6.92
CA SER A 63 -9.51 6.45 5.70
C SER A 63 -8.68 7.70 5.96
N ARG A 64 -8.88 8.35 7.11
CA ARG A 64 -8.13 9.54 7.53
C ARG A 64 -6.66 9.23 7.87
N SER A 65 -6.33 7.95 8.16
CA SER A 65 -4.97 7.50 8.48
C SER A 65 -4.15 7.18 7.20
N ARG A 66 -4.81 7.34 6.05
CA ARG A 66 -4.27 7.15 4.72
C ARG A 66 -4.27 8.55 3.99
N ASP A 67 -3.46 8.72 2.94
CA ASP A 67 -3.39 9.96 2.15
C ASP A 67 -3.40 9.51 0.70
N TYR A 68 -4.59 9.20 0.19
CA TYR A 68 -4.78 8.61 -1.14
C TYR A 68 -4.21 9.44 -2.29
N PRO A 69 -4.36 10.79 -2.37
CA PRO A 69 -3.74 11.50 -3.52
C PRO A 69 -2.20 11.32 -3.57
N ARG A 70 -1.52 11.32 -2.42
CA ARG A 70 -0.07 11.14 -2.37
C ARG A 70 0.32 9.66 -2.52
N GLU A 71 -0.28 8.78 -1.73
CA GLU A 71 0.01 7.34 -1.74
C GLU A 71 -0.39 6.62 -3.03
N PHE A 72 -1.54 6.97 -3.59
CA PHE A 72 -2.06 6.30 -4.77
C PHE A 72 -2.53 7.25 -5.90
N PRO A 73 -1.62 8.03 -6.56
CA PRO A 73 -2.07 8.91 -7.67
C PRO A 73 -2.67 8.13 -8.85
N GLY A 74 -3.85 8.52 -9.28
CA GLY A 74 -4.53 7.85 -10.39
C GLY A 74 -5.87 7.24 -10.02
N VAL A 75 -6.09 6.98 -8.71
CA VAL A 75 -7.32 6.41 -8.18
C VAL A 75 -8.13 7.52 -7.50
N LEU A 76 -9.47 7.45 -7.58
CA LEU A 76 -10.35 8.44 -6.98
C LEU A 76 -10.35 8.35 -5.44
N GLY A 77 -10.25 7.13 -4.93
CA GLY A 77 -10.25 6.83 -3.51
C GLY A 77 -10.59 5.38 -3.30
N TYR A 78 -10.89 5.04 -2.05
CA TYR A 78 -11.21 3.67 -1.64
C TYR A 78 -12.41 3.67 -0.74
N GLY A 79 -13.21 2.63 -0.90
CA GLY A 79 -14.39 2.45 -0.08
C GLY A 79 -14.74 0.99 0.12
N TYR A 80 -15.93 0.77 0.68
CA TYR A 80 -16.49 -0.53 1.02
C TYR A 80 -17.93 -0.69 0.50
N ILE A 81 -18.21 -1.88 -0.06
CA ILE A 81 -19.52 -2.29 -0.55
C ILE A 81 -19.97 -3.48 0.31
N HIS A 82 -21.23 -3.43 0.78
CA HIS A 82 -21.83 -4.48 1.61
C HIS A 82 -22.85 -5.32 0.80
N ARG A 83 -22.79 -6.65 0.96
CA ARG A 83 -23.70 -7.58 0.29
C ARG A 83 -24.92 -7.70 1.18
N VAL A 84 -26.10 -7.35 0.62
CA VAL A 84 -27.35 -7.35 1.35
C VAL A 84 -28.53 -7.80 0.48
N ALA A 85 -29.19 -8.86 0.93
CA ALA A 85 -30.35 -9.47 0.29
C ALA A 85 -31.53 -8.50 0.28
N ALA A 86 -32.39 -8.62 -0.75
CA ALA A 86 -33.60 -7.80 -0.89
C ALA A 86 -34.46 -7.84 0.38
N ALA A 87 -34.48 -9.01 1.07
CA ALA A 87 -35.21 -9.23 2.32
C ALA A 87 -34.62 -8.44 3.49
N ASP A 88 -33.33 -8.11 3.42
CA ASP A 88 -32.63 -7.39 4.49
C ASP A 88 -32.33 -5.91 4.17
N GLU A 89 -32.76 -5.40 2.97
CA GLU A 89 -32.53 -4.01 2.53
C GLU A 89 -32.95 -2.99 3.61
N ALA A 90 -34.22 -3.07 4.06
CA ALA A 90 -34.84 -2.21 5.07
C ALA A 90 -34.07 -2.18 6.39
N ALA A 91 -33.70 -3.37 6.93
CA ALA A 91 -32.93 -3.51 8.18
C ALA A 91 -31.55 -2.84 8.06
N PHE A 92 -30.82 -3.17 6.97
CA PHE A 92 -29.50 -2.63 6.64
C PHE A 92 -29.51 -1.11 6.53
N LEU A 93 -30.53 -0.56 5.86
CA LEU A 93 -30.69 0.86 5.63
C LEU A 93 -30.93 1.61 6.95
N ASP A 94 -31.72 1.01 7.86
CA ASP A 94 -32.00 1.59 9.17
C ASP A 94 -30.72 1.72 10.01
N ALA A 95 -29.90 0.65 10.05
CA ALA A 95 -28.64 0.61 10.78
C ALA A 95 -27.67 1.70 10.32
N ALA A 96 -27.51 1.86 8.98
CA ALA A 96 -26.65 2.85 8.35
C ALA A 96 -27.10 4.28 8.65
N ARG A 97 -28.42 4.53 8.60
CA ARG A 97 -29.04 5.83 8.90
C ARG A 97 -28.79 6.27 10.38
N ALA A 98 -28.77 5.31 11.32
CA ALA A 98 -28.49 5.50 12.75
C ALA A 98 -26.97 5.64 13.04
N ASP A 99 -26.11 5.16 12.10
CA ASP A 99 -24.64 5.21 12.24
C ASP A 99 -23.98 6.36 11.44
N GLY A 100 -24.68 7.49 11.31
CA GLY A 100 -24.15 8.70 10.67
C GLY A 100 -24.36 8.90 9.19
N ALA A 101 -25.34 8.20 8.57
CA ALA A 101 -25.65 8.35 7.14
C ALA A 101 -27.18 8.59 6.98
N PRO A 102 -27.73 9.70 7.53
CA PRO A 102 -29.18 9.91 7.53
C PRO A 102 -29.91 9.92 6.19
N ASP A 103 -29.24 10.38 5.13
CA ASP A 103 -29.87 10.55 3.83
C ASP A 103 -29.65 9.36 2.89
N ILE A 104 -29.04 8.27 3.39
CA ILE A 104 -28.74 7.10 2.57
C ILE A 104 -30.02 6.33 2.16
N GLN A 105 -30.01 5.83 0.92
CA GLN A 105 -31.05 5.05 0.25
C GLN A 105 -30.43 4.23 -0.88
N ARG A 106 -31.11 3.15 -1.29
CA ARG A 106 -30.63 2.31 -2.37
C ARG A 106 -30.83 3.08 -3.67
N ARG A 107 -29.72 3.42 -4.31
CA ARG A 107 -29.67 4.15 -5.58
C ARG A 107 -29.30 3.16 -6.64
N LEU A 108 -30.10 3.10 -7.69
CA LEU A 108 -29.93 2.17 -8.80
C LEU A 108 -29.30 2.82 -10.03
N LEU A 109 -28.47 2.05 -10.73
CA LEU A 109 -27.87 2.49 -11.99
C LEU A 109 -28.72 2.07 -13.18
N ALA A 110 -29.57 1.04 -12.99
CA ALA A 110 -30.50 0.45 -13.96
C ALA A 110 -31.49 -0.40 -13.15
N PRO A 111 -32.69 -0.77 -13.68
CA PRO A 111 -33.62 -1.58 -12.86
C PRO A 111 -33.02 -2.94 -12.52
N TRP A 112 -33.18 -3.37 -11.27
CA TRP A 112 -32.62 -4.62 -10.77
C TRP A 112 -33.39 -5.10 -9.55
N ASP A 113 -33.83 -6.35 -9.57
CA ASP A 113 -34.61 -6.95 -8.48
C ASP A 113 -33.85 -7.98 -7.63
N GLY A 114 -32.65 -8.35 -8.06
CA GLY A 114 -31.82 -9.34 -7.38
C GLY A 114 -31.09 -8.83 -6.16
N GLU A 115 -30.10 -9.61 -5.69
CA GLU A 115 -29.28 -9.31 -4.51
C GLU A 115 -28.54 -7.98 -4.69
N ARG A 116 -28.58 -7.15 -3.64
CA ARG A 116 -27.99 -5.81 -3.65
C ARG A 116 -26.56 -5.80 -3.09
N PHE A 117 -25.68 -4.99 -3.72
CA PHE A 117 -24.26 -4.76 -3.38
C PHE A 117 -24.19 -3.24 -3.24
N ILE A 118 -24.43 -2.74 -2.04
CA ILE A 118 -24.58 -1.31 -1.81
C ILE A 118 -23.31 -0.65 -1.28
N VAL A 119 -22.95 0.54 -1.84
CA VAL A 119 -21.81 1.34 -1.38
C VAL A 119 -22.20 1.93 -0.03
N LEU A 120 -21.50 1.48 1.05
CA LEU A 120 -21.71 1.89 2.44
C LEU A 120 -20.74 3.02 2.80
N TYR A 121 -19.46 2.81 2.46
CA TYR A 121 -18.39 3.78 2.71
C TYR A 121 -17.56 4.05 1.46
N PHE A 122 -17.12 5.29 1.35
CA PHE A 122 -16.20 5.78 0.33
C PHE A 122 -15.51 7.00 0.88
N GLU A 123 -14.20 7.03 0.72
CA GLU A 123 -13.37 8.16 1.09
C GLU A 123 -12.35 8.43 -0.02
N PRO A 124 -12.08 9.70 -0.39
CA PRO A 124 -12.59 10.97 0.18
C PRO A 124 -13.95 11.40 -0.40
N GLU A 125 -14.94 11.63 0.45
CA GLU A 125 -16.21 12.11 -0.05
C GLU A 125 -16.04 13.61 -0.29
N SER A 126 -15.01 13.96 -1.06
CA SER A 126 -14.70 15.35 -1.33
C SER A 126 -15.68 15.69 -2.42
N SER A 127 -15.57 16.83 -3.08
CA SER A 127 -16.56 17.22 -4.07
C SER A 127 -16.74 16.11 -5.09
N GLY A 128 -17.99 15.89 -5.49
CA GLY A 128 -18.31 14.82 -6.39
C GLY A 128 -18.14 13.65 -5.45
N ASN A 129 -17.92 12.45 -5.94
CA ASN A 129 -17.69 11.32 -5.04
C ASN A 129 -18.72 11.03 -3.97
N ARG A 130 -19.99 11.10 -4.33
CA ARG A 130 -21.10 10.77 -3.44
C ARG A 130 -21.74 9.44 -3.88
N PRO A 131 -20.99 8.31 -3.83
CA PRO A 131 -21.57 7.04 -4.28
C PRO A 131 -22.33 6.28 -3.18
N LEU A 132 -22.49 6.88 -1.99
CA LEU A 132 -23.18 6.22 -0.88
C LEU A 132 -24.59 5.83 -1.27
N GLY A 133 -24.90 4.56 -1.04
CA GLY A 133 -26.20 3.98 -1.37
C GLY A 133 -26.27 3.38 -2.76
N LEU A 134 -25.22 3.60 -3.56
CA LEU A 134 -25.17 3.11 -4.93
C LEU A 134 -25.08 1.59 -4.95
N ASP A 135 -26.12 0.97 -5.55
CA ASP A 135 -26.22 -0.47 -5.70
C ASP A 135 -25.41 -0.86 -6.94
N VAL A 136 -24.17 -1.30 -6.78
CA VAL A 136 -23.33 -1.66 -7.92
C VAL A 136 -23.77 -2.98 -8.57
N ALA A 137 -24.68 -3.71 -7.92
CA ALA A 137 -25.24 -4.95 -8.45
C ALA A 137 -26.24 -4.61 -9.56
N SER A 138 -26.85 -3.40 -9.52
CA SER A 138 -27.88 -2.94 -10.47
C SER A 138 -27.40 -2.71 -11.91
N GLU A 139 -26.07 -2.58 -12.11
CA GLU A 139 -25.45 -2.41 -13.43
C GLU A 139 -24.61 -3.70 -13.72
N PRO A 140 -24.82 -4.37 -14.90
CA PRO A 140 -24.15 -5.66 -15.18
C PRO A 140 -22.62 -5.71 -15.18
N ARG A 141 -21.92 -4.73 -15.78
CA ARG A 141 -20.44 -4.73 -15.81
C ARG A 141 -19.84 -4.72 -14.41
N ARG A 142 -20.42 -3.91 -13.50
CA ARG A 142 -20.02 -3.79 -12.10
C ARG A 142 -20.30 -5.08 -11.30
N ARG A 143 -21.49 -5.69 -11.50
CA ARG A 143 -21.91 -6.94 -10.86
C ARG A 143 -21.04 -8.15 -11.29
N ILE A 144 -20.73 -8.26 -12.61
CA ILE A 144 -19.89 -9.32 -13.19
C ILE A 144 -18.52 -9.33 -12.51
N ALA A 145 -17.89 -8.13 -12.39
CA ALA A 145 -16.58 -7.92 -11.75
C ALA A 145 -16.64 -8.33 -10.27
N ALA A 146 -17.73 -7.99 -9.56
CA ALA A 146 -17.93 -8.29 -8.15
C ALA A 146 -18.13 -9.77 -7.86
N ILE A 147 -18.88 -10.48 -8.71
CA ILE A 147 -19.12 -11.91 -8.52
C ILE A 147 -17.84 -12.69 -8.89
N ALA A 148 -17.09 -12.22 -9.92
CA ALA A 148 -15.84 -12.85 -10.34
C ALA A 148 -14.76 -12.68 -9.28
N ALA A 149 -14.68 -11.49 -8.66
CA ALA A 149 -13.75 -11.19 -7.57
C ALA A 149 -14.05 -12.10 -6.36
N ALA A 150 -15.36 -12.25 -6.02
CA ALA A 150 -15.80 -13.07 -4.89
C ALA A 150 -15.51 -14.54 -5.10
N ARG A 151 -15.76 -15.05 -6.34
CA ARG A 151 -15.54 -16.45 -6.72
C ARG A 151 -14.07 -16.81 -6.79
N SER A 152 -13.25 -15.97 -7.38
CA SER A 152 -11.81 -16.22 -7.55
C SER A 152 -10.96 -15.85 -6.34
N GLY A 153 -11.37 -14.83 -5.59
CA GLY A 153 -10.61 -14.33 -4.46
C GLY A 153 -9.59 -13.28 -4.87
N GLN A 154 -9.59 -12.90 -6.17
CA GLN A 154 -8.64 -11.98 -6.77
C GLN A 154 -9.19 -10.58 -6.92
N PRO A 155 -8.34 -9.51 -6.81
CA PRO A 155 -8.83 -8.15 -7.12
C PRO A 155 -9.18 -8.10 -8.61
N THR A 156 -10.48 -7.85 -8.90
CA THR A 156 -11.05 -7.90 -10.25
C THR A 156 -11.67 -6.56 -10.67
N MET A 157 -11.29 -6.12 -11.87
CA MET A 157 -11.74 -4.88 -12.48
C MET A 157 -12.90 -5.13 -13.43
N THR A 158 -13.72 -4.08 -13.65
CA THR A 158 -14.83 -4.09 -14.61
C THR A 158 -14.31 -3.86 -16.02
N SER A 159 -15.21 -3.98 -17.01
CA SER A 159 -14.87 -3.59 -18.37
C SER A 159 -15.09 -2.05 -18.34
N PRO A 160 -14.69 -1.23 -19.34
CA PRO A 160 -14.91 0.22 -19.22
C PRO A 160 -16.36 0.57 -18.91
N VAL A 161 -16.52 1.48 -17.96
CA VAL A 161 -17.77 1.87 -17.30
C VAL A 161 -17.87 3.42 -17.23
N SER A 162 -19.07 3.97 -16.99
CA SER A 162 -19.29 5.42 -16.85
C SER A 162 -19.49 5.69 -15.36
N LEU A 163 -18.64 6.54 -14.75
CA LEU A 163 -18.68 6.76 -13.30
C LEU A 163 -19.73 7.79 -12.81
N SER A 164 -20.96 7.33 -12.70
CA SER A 164 -22.07 8.09 -12.13
C SER A 164 -21.88 7.99 -10.60
N GLY A 165 -21.95 9.12 -9.93
CA GLY A 165 -21.73 9.15 -8.49
C GLY A 165 -20.42 9.76 -8.05
N TYR A 166 -19.54 10.07 -9.01
CA TYR A 166 -18.23 10.66 -8.74
C TYR A 166 -18.01 12.01 -9.40
N GLN A 167 -18.73 12.29 -10.52
CA GLN A 167 -18.66 13.57 -11.21
C GLN A 167 -19.94 13.85 -11.99
N THR A 168 -20.37 15.15 -12.01
CA THR A 168 -21.59 15.68 -12.64
C THR A 168 -21.67 15.11 -14.06
N PRO A 169 -20.98 15.57 -15.15
CA PRO A 169 -21.02 14.78 -16.38
C PRO A 169 -20.16 13.55 -16.08
N SER A 170 -20.73 12.33 -16.20
CA SER A 170 -19.99 11.10 -15.88
C SER A 170 -18.85 10.88 -16.82
N GLU A 171 -17.75 10.41 -16.27
CA GLU A 171 -16.47 10.17 -16.96
C GLU A 171 -16.26 8.67 -17.13
N GLY A 172 -15.42 8.31 -18.08
CA GLY A 172 -15.05 6.93 -18.33
C GLY A 172 -14.12 6.47 -17.23
N GLY A 173 -14.31 5.24 -16.80
CA GLY A 173 -13.50 4.69 -15.73
C GLY A 173 -13.73 3.23 -15.49
N PHE A 174 -13.23 2.77 -14.34
CA PHE A 174 -13.30 1.38 -13.92
C PHE A 174 -13.51 1.34 -12.39
N LEU A 175 -13.95 0.18 -11.90
CA LEU A 175 -14.05 -0.14 -10.48
C LEU A 175 -13.16 -1.35 -10.36
N VAL A 176 -12.39 -1.44 -9.27
CA VAL A 176 -11.57 -2.63 -8.98
C VAL A 176 -12.14 -3.12 -7.67
N LEU A 177 -12.48 -4.41 -7.61
CA LEU A 177 -13.12 -5.01 -6.45
C LEU A 177 -12.34 -6.17 -5.87
N LEU A 178 -12.23 -6.21 -4.55
CA LEU A 178 -11.56 -7.26 -3.78
C LEU A 178 -12.56 -7.76 -2.70
N PRO A 179 -12.83 -9.08 -2.58
CA PRO A 179 -13.88 -9.53 -1.64
C PRO A 179 -13.49 -9.68 -0.19
N VAL A 180 -14.52 -9.58 0.68
CA VAL A 180 -14.41 -9.73 2.11
C VAL A 180 -15.15 -11.00 2.46
N TYR A 181 -14.45 -11.92 3.07
CA TYR A 181 -14.98 -13.21 3.44
C TYR A 181 -15.29 -13.29 4.91
N ARG A 182 -16.34 -14.07 5.26
CA ARG A 182 -16.74 -14.35 6.62
C ARG A 182 -15.74 -15.35 7.22
N GLU A 183 -15.19 -14.99 8.39
CA GLU A 183 -14.26 -15.81 9.16
C GLU A 183 -14.89 -17.13 9.62
N GLY A 184 -14.12 -18.21 9.47
CA GLY A 184 -14.55 -19.56 9.83
C GLY A 184 -15.33 -20.28 8.76
N MET A 185 -15.55 -19.63 7.61
CA MET A 185 -16.27 -20.20 6.46
C MET A 185 -15.27 -20.80 5.46
N PRO A 186 -15.55 -21.97 4.84
CA PRO A 186 -14.59 -22.55 3.89
C PRO A 186 -14.46 -21.74 2.60
N LEU A 187 -13.28 -21.84 1.97
CA LEU A 187 -12.94 -21.11 0.76
C LEU A 187 -12.30 -21.98 -0.34
N GLN A 188 -12.39 -23.32 -0.26
CA GLN A 188 -11.77 -24.26 -1.21
C GLN A 188 -12.32 -24.18 -2.65
N THR A 189 -13.64 -23.99 -2.82
CA THR A 189 -14.31 -23.90 -4.12
C THR A 189 -14.81 -22.47 -4.38
N PRO A 190 -15.10 -22.07 -5.65
CA PRO A 190 -15.63 -20.71 -5.88
C PRO A 190 -17.03 -20.48 -5.31
N GLN A 191 -17.86 -21.55 -5.23
CA GLN A 191 -19.20 -21.44 -4.65
C GLN A 191 -19.06 -21.21 -3.16
N GLN A 192 -18.07 -21.88 -2.52
CA GLN A 192 -17.74 -21.72 -1.11
C GLN A 192 -17.34 -20.29 -0.84
N ARG A 193 -16.45 -19.72 -1.69
CA ARG A 193 -15.96 -18.33 -1.61
C ARG A 193 -17.12 -17.30 -1.77
N MET A 194 -17.97 -17.48 -2.81
CA MET A 194 -19.15 -16.64 -3.09
C MET A 194 -20.10 -16.66 -1.90
N ASP A 195 -20.37 -17.86 -1.34
CA ASP A 195 -21.24 -18.06 -0.17
C ASP A 195 -20.67 -17.40 1.09
N ALA A 196 -19.33 -17.27 1.16
CA ALA A 196 -18.63 -16.66 2.28
C ALA A 196 -18.47 -15.14 2.15
N THR A 197 -18.77 -14.58 0.97
CA THR A 197 -18.61 -13.16 0.67
C THR A 197 -19.62 -12.31 1.40
N THR A 198 -19.11 -11.43 2.29
CA THR A 198 -19.92 -10.47 3.07
C THR A 198 -19.93 -9.10 2.39
N GLY A 199 -18.84 -8.76 1.72
CA GLY A 199 -18.71 -7.48 1.02
C GLY A 199 -17.48 -7.38 0.15
N TRP A 200 -17.15 -6.15 -0.25
CA TRP A 200 -15.96 -5.86 -1.08
C TRP A 200 -15.32 -4.55 -0.71
N ALA A 201 -14.00 -4.51 -0.85
CA ALA A 201 -13.21 -3.30 -0.78
C ALA A 201 -13.16 -2.93 -2.27
N TYR A 202 -13.41 -1.66 -2.61
CA TYR A 202 -13.37 -1.24 -4.01
C TYR A 202 -12.64 0.07 -4.20
N ALA A 203 -12.22 0.30 -5.43
CA ALA A 203 -11.59 1.53 -5.81
C ALA A 203 -12.15 1.99 -7.17
N PRO A 204 -12.84 3.16 -7.21
CA PRO A 204 -13.27 3.72 -8.51
C PRO A 204 -12.08 4.47 -9.13
N LEU A 205 -11.97 4.39 -10.45
CA LEU A 205 -10.86 4.92 -11.23
C LEU A 205 -11.37 5.74 -12.37
N SER A 206 -10.84 6.95 -12.62
CA SER A 206 -11.18 7.68 -13.84
C SER A 206 -10.13 7.30 -14.90
N VAL A 207 -10.52 7.08 -16.14
CA VAL A 207 -9.59 6.71 -17.22
C VAL A 207 -8.56 7.83 -17.45
N LYS A 208 -9.02 9.10 -17.46
CA LYS A 208 -8.19 10.27 -17.69
C LYS A 208 -7.20 10.54 -16.59
N GLN A 209 -7.64 10.49 -15.33
CA GLN A 209 -6.84 10.72 -14.13
C GLN A 209 -5.75 9.70 -13.95
N MET A 210 -6.08 8.41 -14.12
CA MET A 210 -5.12 7.33 -14.01
C MET A 210 -4.05 7.45 -15.08
N LEU A 211 -4.44 7.73 -16.34
CA LEU A 211 -3.46 7.83 -17.43
C LEU A 211 -2.61 9.10 -17.39
N GLU A 212 -3.17 10.24 -16.93
CA GLU A 212 -2.44 11.49 -16.73
C GLU A 212 -1.28 11.23 -15.76
N SER A 213 -1.56 10.49 -14.67
CA SER A 213 -0.61 10.11 -13.63
C SER A 213 0.57 9.21 -14.13
N THR A 214 0.35 8.37 -15.17
CA THR A 214 1.38 7.49 -15.72
C THR A 214 2.10 8.08 -16.95
N LEU A 215 1.34 8.64 -17.90
CA LEU A 215 1.84 9.15 -19.17
C LEU A 215 2.44 10.52 -19.07
N GLY A 216 1.75 11.43 -18.38
CA GLY A 216 2.20 12.81 -18.22
C GLY A 216 2.12 13.58 -19.51
N ASP A 217 3.17 14.40 -19.78
CA ASP A 217 3.24 15.26 -20.96
C ASP A 217 4.09 14.65 -22.09
N ARG A 218 4.29 13.31 -22.07
CA ARG A 218 5.06 12.62 -23.11
C ARG A 218 4.31 12.64 -24.43
N ASP A 219 4.95 13.25 -25.43
CA ASP A 219 4.43 13.47 -26.77
C ASP A 219 5.21 12.64 -27.81
N ASP A 220 5.86 11.57 -27.34
CA ASP A 220 6.67 10.68 -28.16
C ASP A 220 5.89 9.52 -28.80
N VAL A 221 4.68 9.22 -28.26
CA VAL A 221 3.82 8.11 -28.72
C VAL A 221 2.39 8.53 -29.01
N ALA A 222 1.75 7.87 -29.98
CA ALA A 222 0.35 8.04 -30.36
C ALA A 222 -0.31 6.71 -30.03
N ILE A 223 -0.94 6.64 -28.87
CA ILE A 223 -1.49 5.42 -28.36
C ILE A 223 -3.01 5.39 -28.30
N SER A 224 -3.54 4.19 -28.19
CA SER A 224 -4.94 3.88 -27.95
C SER A 224 -5.06 2.61 -27.07
N LEU A 225 -6.05 2.62 -26.20
CA LEU A 225 -6.32 1.48 -25.32
C LEU A 225 -7.77 1.06 -25.43
N SER A 226 -8.01 -0.24 -25.44
CA SER A 226 -9.36 -0.79 -25.48
C SER A 226 -9.36 -2.07 -24.68
N ASP A 227 -10.54 -2.59 -24.31
CA ASP A 227 -10.66 -3.86 -23.58
C ASP A 227 -10.93 -4.93 -24.65
N ARG A 228 -10.12 -5.99 -24.66
CA ARG A 228 -10.20 -7.10 -25.63
C ARG A 228 -11.61 -7.67 -25.88
N GLU A 229 -12.52 -7.60 -24.86
CA GLU A 229 -13.92 -8.05 -24.96
C GLU A 229 -14.67 -7.26 -26.05
N ASP A 230 -14.23 -6.01 -26.33
CA ASP A 230 -14.79 -5.14 -27.36
C ASP A 230 -13.69 -4.23 -27.93
N THR A 231 -12.90 -4.74 -28.89
CA THR A 231 -11.85 -3.93 -29.50
C THR A 231 -12.40 -2.85 -30.43
N GLN A 232 -13.71 -2.89 -30.75
CA GLN A 232 -14.31 -1.86 -31.61
C GLN A 232 -14.43 -0.49 -30.90
N HIS A 233 -14.40 -0.50 -29.55
CA HIS A 233 -14.48 0.69 -28.71
C HIS A 233 -13.28 0.91 -27.80
N THR A 234 -12.53 1.99 -28.08
CA THR A 234 -11.38 2.42 -27.27
C THR A 234 -11.92 3.14 -26.03
N PHE A 235 -11.26 2.98 -24.87
CA PHE A 235 -11.62 3.78 -23.68
C PHE A 235 -10.62 4.95 -23.53
N TYR A 236 -9.57 4.97 -24.36
CA TYR A 236 -8.52 5.99 -24.38
C TYR A 236 -7.85 6.10 -25.73
N ARG A 237 -7.53 7.33 -26.14
CA ARG A 237 -6.86 7.67 -27.40
C ARG A 237 -6.05 8.94 -27.22
N SER A 238 -4.81 8.96 -27.65
CA SER A 238 -4.02 10.18 -27.48
C SER A 238 -2.91 10.19 -28.50
N GLY A 239 -2.74 11.34 -29.14
CA GLY A 239 -1.71 11.61 -30.13
C GLY A 239 -2.08 11.33 -31.57
N ILE A 240 -1.27 11.90 -32.47
CA ILE A 240 -1.31 11.73 -33.91
C ILE A 240 0.05 11.12 -34.24
N ALA A 241 0.03 9.98 -34.93
CA ALA A 241 1.23 9.24 -35.31
C ALA A 241 2.00 9.96 -36.42
N ALA A 242 3.31 9.64 -36.57
CA ALA A 242 4.17 10.20 -37.64
C ALA A 242 3.61 9.65 -38.97
N PRO A 243 3.42 10.49 -40.01
CA PRO A 243 2.82 9.98 -41.26
C PRO A 243 3.44 8.70 -41.81
N GLU A 244 4.78 8.58 -41.68
CA GLU A 244 5.62 7.46 -42.11
C GLU A 244 5.20 6.13 -41.51
N SER A 245 4.93 6.13 -40.18
CA SER A 245 4.55 4.95 -39.40
C SER A 245 3.21 4.35 -39.82
N MET A 246 2.47 5.07 -40.68
CA MET A 246 1.17 4.59 -41.19
C MET A 246 1.37 3.60 -42.32
N ARG A 247 2.58 3.60 -42.92
CA ARG A 247 2.93 2.66 -44.00
C ARG A 247 3.18 1.23 -43.43
N ARG A 248 3.07 1.10 -42.10
CA ARG A 248 3.29 -0.14 -41.36
C ARG A 248 2.21 -0.30 -40.31
N ALA A 249 1.99 -1.52 -39.80
CA ALA A 249 1.01 -1.77 -38.74
C ALA A 249 1.51 -1.15 -37.43
N ALA A 250 0.58 -0.88 -36.51
CA ALA A 250 0.94 -0.31 -35.21
C ALA A 250 1.57 -1.37 -34.31
N HIS A 251 2.30 -0.93 -33.29
CA HIS A 251 2.87 -1.84 -32.31
C HIS A 251 1.76 -2.19 -31.36
N THR A 252 1.54 -3.46 -31.16
CA THR A 252 0.47 -3.92 -30.29
C THR A 252 1.01 -4.68 -29.06
N GLN A 253 0.29 -4.62 -27.94
CA GLN A 253 0.62 -5.30 -26.68
C GLN A 253 -0.64 -5.59 -25.89
N LEU A 254 -0.70 -6.80 -25.30
CA LEU A 254 -1.83 -7.20 -24.46
C LEU A 254 -1.40 -7.03 -23.01
N LEU A 255 -2.23 -6.35 -22.22
CA LEU A 255 -1.91 -6.10 -20.83
C LEU A 255 -2.93 -6.72 -19.90
N PRO A 256 -2.49 -7.68 -19.10
CA PRO A 256 -3.40 -8.35 -18.14
C PRO A 256 -3.65 -7.48 -16.90
N ILE A 257 -4.81 -6.83 -16.84
CA ILE A 257 -5.17 -5.92 -15.75
C ILE A 257 -6.38 -6.42 -14.98
N TYR A 258 -6.14 -6.88 -13.74
CA TYR A 258 -7.18 -7.36 -12.81
C TYR A 258 -8.27 -8.23 -13.44
N GLY A 259 -7.89 -9.24 -14.22
CA GLY A 259 -8.85 -10.17 -14.85
C GLY A 259 -9.34 -9.74 -16.22
N ARG A 260 -8.98 -8.52 -16.63
CA ARG A 260 -9.31 -7.94 -17.91
C ARG A 260 -8.03 -7.97 -18.76
N THR A 261 -8.21 -7.86 -20.09
CA THR A 261 -7.09 -7.75 -21.02
C THR A 261 -7.24 -6.44 -21.77
N TRP A 262 -6.24 -5.58 -21.65
CA TRP A 262 -6.24 -4.31 -22.39
C TRP A 262 -5.40 -4.47 -23.64
N VAL A 263 -5.86 -3.87 -24.72
CA VAL A 263 -5.15 -3.89 -25.99
C VAL A 263 -4.50 -2.52 -26.17
N LEU A 264 -3.16 -2.46 -26.02
CA LEU A 264 -2.38 -1.25 -26.23
C LEU A 264 -1.90 -1.27 -27.67
N THR A 265 -2.29 -0.23 -28.44
CA THR A 265 -1.93 0.02 -29.84
C THR A 265 -1.09 1.32 -29.83
N ALA A 266 0.13 1.28 -30.37
CA ALA A 266 1.04 2.42 -30.36
C ALA A 266 1.77 2.63 -31.67
N ARG A 267 1.99 3.91 -32.02
CA ARG A 267 2.78 4.41 -33.14
C ARG A 267 3.62 5.62 -32.66
N PRO A 268 4.87 5.84 -33.16
CA PRO A 268 5.64 6.99 -32.66
C PRO A 268 5.07 8.34 -33.11
N THR A 269 5.41 9.43 -32.37
CA THR A 269 5.03 10.83 -32.62
C THR A 269 3.60 11.08 -32.18
N GLU B 10 33.94 16.40 -23.40
CA GLU B 10 34.56 16.28 -22.09
C GLU B 10 33.57 16.63 -20.96
N LEU B 11 32.86 17.78 -21.11
CA LEU B 11 31.88 18.32 -20.16
C LEU B 11 30.63 17.44 -20.05
N GLU B 12 30.23 16.80 -21.19
CA GLU B 12 29.04 15.94 -21.30
C GLU B 12 29.09 14.74 -20.36
N ARG B 13 30.29 14.25 -20.02
CA ARG B 13 30.56 13.09 -19.16
C ARG B 13 29.97 13.24 -17.76
N GLU B 14 30.26 14.38 -17.09
CA GLU B 14 29.81 14.65 -15.72
C GLU B 14 28.31 15.04 -15.62
N ARG B 15 27.64 15.20 -16.77
CA ARG B 15 26.22 15.51 -16.88
C ARG B 15 25.44 14.21 -17.15
N ARG B 16 26.01 13.33 -18.02
CA ARG B 16 25.46 12.03 -18.41
C ARG B 16 25.42 11.09 -17.21
N PHE B 17 26.45 11.18 -16.35
CA PHE B 17 26.54 10.35 -15.15
C PHE B 17 25.74 10.96 -13.99
N ASP B 18 25.50 12.29 -14.04
CA ASP B 18 24.69 12.96 -13.03
C ASP B 18 23.24 12.50 -13.19
N MET B 19 22.87 12.14 -14.43
CA MET B 19 21.58 11.61 -14.88
C MET B 19 21.42 10.19 -14.31
N VAL B 20 22.52 9.38 -14.36
CA VAL B 20 22.66 8.00 -13.85
C VAL B 20 22.40 7.96 -12.34
N VAL B 21 23.08 8.85 -11.59
CA VAL B 21 23.08 9.03 -10.14
C VAL B 21 21.70 9.50 -9.62
N ARG B 22 21.10 10.52 -10.27
CA ARG B 22 19.78 11.07 -9.95
C ARG B 22 18.68 10.01 -10.09
N VAL B 23 18.83 9.11 -11.08
CA VAL B 23 17.87 8.04 -11.37
C VAL B 23 17.98 6.93 -10.34
N LEU B 24 19.22 6.56 -9.97
CA LEU B 24 19.55 5.53 -8.98
C LEU B 24 19.02 5.95 -7.59
N ALA B 25 19.18 7.25 -7.26
CA ALA B 25 18.70 7.88 -6.02
C ALA B 25 17.16 7.81 -5.91
N ARG B 26 16.46 8.11 -7.04
CA ARG B 26 15.02 8.07 -7.23
C ARG B 26 14.50 6.63 -7.06
N ASN B 27 15.23 5.63 -7.58
CA ASN B 27 14.87 4.21 -7.43
C ASN B 27 14.98 3.72 -5.98
N ILE B 28 16.08 4.10 -5.26
CA ILE B 28 16.27 3.70 -3.85
C ILE B 28 15.11 4.29 -3.04
N SER B 29 14.86 5.61 -3.23
CA SER B 29 13.76 6.33 -2.57
C SER B 29 12.39 5.75 -2.92
N GLU B 30 12.18 5.34 -4.20
CA GLU B 30 10.89 4.76 -4.60
C GLU B 30 10.66 3.42 -3.91
N ARG B 31 11.68 2.51 -3.90
CA ARG B 31 11.56 1.24 -3.21
C ARG B 31 11.27 1.46 -1.73
N MET B 32 12.02 2.35 -1.07
CA MET B 32 11.78 2.64 0.33
C MET B 32 10.33 3.07 0.61
N TYR B 33 9.79 3.94 -0.24
CA TYR B 33 8.45 4.48 -0.04
C TYR B 33 7.30 3.55 -0.47
N THR B 34 7.60 2.37 -1.05
CA THR B 34 6.58 1.35 -1.34
C THR B 34 6.21 0.70 0.00
N PHE B 35 7.17 0.63 0.95
CA PHE B 35 6.94 0.01 2.27
C PHE B 35 5.94 0.77 3.14
N GLU B 36 5.77 2.07 2.88
CA GLU B 36 4.84 2.89 3.64
C GLU B 36 3.37 2.37 3.57
N HIS B 37 2.95 1.89 2.40
CA HIS B 37 1.64 1.31 2.10
C HIS B 37 1.24 0.22 3.10
N GLY B 38 2.09 -0.82 3.26
CA GLY B 38 1.89 -1.90 4.22
C GLY B 38 1.95 -1.48 5.68
N LEU B 39 2.72 -0.41 5.99
CA LEU B 39 2.85 0.15 7.34
C LEU B 39 1.50 0.74 7.74
N ARG B 40 0.88 1.47 6.81
CA ARG B 40 -0.42 2.09 7.01
C ARG B 40 -1.54 1.02 6.95
N GLY B 41 -1.31 -0.08 6.21
CA GLY B 41 -2.23 -1.19 6.14
C GLY B 41 -2.28 -1.91 7.47
N ALA B 42 -1.09 -2.14 8.07
CA ALA B 42 -0.94 -2.77 9.38
C ALA B 42 -1.60 -1.93 10.47
N ARG B 43 -1.43 -0.58 10.45
CA ARG B 43 -2.10 0.32 11.42
C ARG B 43 -3.63 0.31 11.21
N GLY B 44 -4.06 0.22 9.95
CA GLY B 44 -5.45 0.15 9.53
C GLY B 44 -6.21 -0.95 10.24
N ALA B 45 -5.59 -2.15 10.35
CA ALA B 45 -6.13 -3.33 11.03
C ALA B 45 -6.43 -3.03 12.50
N VAL B 46 -5.48 -2.34 13.19
CA VAL B 46 -5.61 -2.02 14.61
C VAL B 46 -6.65 -0.89 14.79
N ILE B 47 -6.81 0.00 13.79
CA ILE B 47 -7.82 1.06 13.82
C ILE B 47 -9.21 0.42 13.73
N GLY B 48 -9.40 -0.50 12.76
CA GLY B 48 -10.64 -1.26 12.58
C GLY B 48 -11.04 -2.00 13.84
N ALA B 49 -10.03 -2.44 14.62
CA ALA B 49 -10.18 -3.15 15.90
C ALA B 49 -10.70 -2.25 17.02
N GLY B 50 -10.56 -0.94 16.86
CA GLY B 50 -11.01 0.07 17.79
C GLY B 50 -10.03 0.39 18.89
N SER B 51 -10.59 0.75 20.06
CA SER B 51 -9.88 1.12 21.28
C SER B 51 -9.15 -0.08 21.87
N ASP B 52 -9.90 -1.20 22.07
CA ASP B 52 -9.35 -2.46 22.57
C ASP B 52 -8.43 -3.08 21.50
N VAL B 53 -7.12 -3.04 21.80
CA VAL B 53 -6.03 -3.50 20.92
C VAL B 53 -6.38 -4.82 20.28
N ILE B 54 -6.13 -4.88 18.97
CA ILE B 54 -6.41 -5.98 18.07
C ILE B 54 -5.97 -7.31 18.69
N SER B 55 -6.85 -8.32 18.60
CA SER B 55 -6.58 -9.66 19.09
C SER B 55 -5.54 -10.33 18.18
N ARG B 56 -4.94 -11.41 18.66
CA ARG B 56 -3.96 -12.18 17.93
C ARG B 56 -4.62 -12.73 16.66
N ASP B 57 -5.85 -13.22 16.82
CA ASP B 57 -6.64 -13.82 15.76
C ASP B 57 -6.98 -12.84 14.66
N ARG B 58 -7.44 -11.62 15.01
CA ARG B 58 -7.78 -10.57 14.04
C ARG B 58 -6.51 -10.08 13.33
N PHE B 59 -5.39 -9.93 14.05
CA PHE B 59 -4.15 -9.48 13.42
C PHE B 59 -3.52 -10.56 12.50
N THR B 60 -3.57 -11.83 12.91
CA THR B 60 -3.01 -12.92 12.11
C THR B 60 -3.90 -13.13 10.87
N ARG B 61 -5.23 -12.92 10.99
CA ARG B 61 -6.19 -13.00 9.89
C ARG B 61 -5.90 -11.88 8.89
N TYR B 62 -5.52 -10.67 9.40
CA TYR B 62 -5.18 -9.51 8.59
C TYR B 62 -3.93 -9.79 7.74
N SER B 63 -2.87 -10.27 8.36
CA SER B 63 -1.58 -10.56 7.74
C SER B 63 -1.71 -11.61 6.64
N ARG B 64 -2.58 -12.62 6.85
CA ARG B 64 -2.85 -13.71 5.91
C ARG B 64 -3.62 -13.22 4.69
N SER B 65 -4.28 -12.02 4.79
CA SER B 65 -5.00 -11.39 3.67
C SER B 65 -4.04 -10.61 2.74
N ARG B 66 -2.78 -10.49 3.16
CA ARG B 66 -1.70 -9.82 2.45
C ARG B 66 -0.71 -10.87 1.96
N ASP B 67 0.18 -10.48 1.05
CA ASP B 67 1.22 -11.33 0.47
C ASP B 67 2.49 -10.46 0.36
N TYR B 68 3.14 -10.24 1.50
CA TYR B 68 4.32 -9.35 1.63
C TYR B 68 5.47 -9.71 0.66
N PRO B 69 5.88 -11.00 0.43
CA PRO B 69 6.99 -11.26 -0.52
C PRO B 69 6.72 -10.78 -1.95
N ARG B 70 5.45 -10.79 -2.35
CA ARG B 70 4.95 -10.37 -3.66
C ARG B 70 4.57 -8.86 -3.72
N GLU B 71 3.90 -8.37 -2.68
CA GLU B 71 3.41 -6.99 -2.62
C GLU B 71 4.49 -6.01 -2.23
N PHE B 72 5.34 -6.42 -1.32
CA PHE B 72 6.38 -5.56 -0.79
C PHE B 72 7.71 -6.27 -0.81
N PRO B 73 8.29 -6.59 -2.00
CA PRO B 73 9.62 -7.24 -1.99
C PRO B 73 10.67 -6.27 -1.40
N GLY B 74 11.52 -6.74 -0.49
CA GLY B 74 12.55 -5.93 0.16
C GLY B 74 12.34 -5.64 1.65
N VAL B 75 11.14 -5.94 2.18
CA VAL B 75 10.79 -5.73 3.60
C VAL B 75 10.69 -7.11 4.26
N LEU B 76 11.04 -7.25 5.55
CA LEU B 76 10.97 -8.58 6.20
C LEU B 76 9.51 -8.94 6.43
N GLY B 77 8.73 -7.94 6.80
CA GLY B 77 7.31 -8.09 7.02
C GLY B 77 6.82 -6.88 7.78
N TYR B 78 5.64 -7.01 8.37
CA TYR B 78 5.02 -5.95 9.15
C TYR B 78 4.50 -6.48 10.46
N GLY B 79 4.53 -5.64 11.48
CA GLY B 79 4.07 -6.02 12.80
C GLY B 79 3.52 -4.88 13.61
N TYR B 80 3.26 -5.17 14.91
CA TYR B 80 2.71 -4.22 15.87
C TYR B 80 3.47 -4.29 17.20
N ILE B 81 3.84 -3.09 17.72
CA ILE B 81 4.55 -2.84 19.00
C ILE B 81 3.55 -2.17 19.98
N HIS B 82 3.41 -2.70 21.19
CA HIS B 82 2.51 -2.09 22.16
C HIS B 82 3.27 -1.21 23.14
N ARG B 83 2.74 -0.01 23.43
CA ARG B 83 3.33 0.88 24.42
C ARG B 83 2.82 0.44 25.80
N VAL B 84 3.74 0.03 26.70
CA VAL B 84 3.39 -0.48 28.04
C VAL B 84 4.34 0.04 29.14
N ALA B 85 3.76 0.67 30.18
CA ALA B 85 4.49 1.19 31.32
C ALA B 85 4.92 0.02 32.23
N ALA B 86 6.06 0.19 32.94
CA ALA B 86 6.65 -0.81 33.82
C ALA B 86 5.66 -1.49 34.77
N ALA B 87 4.68 -0.72 35.28
CA ALA B 87 3.64 -1.16 36.22
C ALA B 87 2.48 -1.90 35.53
N ASP B 88 2.47 -1.98 34.20
CA ASP B 88 1.43 -2.68 33.46
C ASP B 88 1.98 -3.87 32.68
N GLU B 89 3.29 -4.15 32.82
CA GLU B 89 4.03 -5.21 32.12
C GLU B 89 3.48 -6.61 32.41
N ALA B 90 3.26 -6.91 33.69
CA ALA B 90 2.76 -8.20 34.19
C ALA B 90 1.38 -8.52 33.64
N ALA B 91 0.45 -7.56 33.67
CA ALA B 91 -0.90 -7.71 33.17
C ALA B 91 -0.90 -7.89 31.63
N PHE B 92 -0.09 -7.11 30.91
CA PHE B 92 0.09 -7.18 29.46
C PHE B 92 0.60 -8.56 29.03
N LEU B 93 1.61 -9.08 29.74
CA LEU B 93 2.23 -10.37 29.46
C LEU B 93 1.27 -11.52 29.75
N ASP B 94 0.43 -11.40 30.80
CA ASP B 94 -0.57 -12.40 31.16
C ASP B 94 -1.68 -12.42 30.10
N ALA B 95 -2.07 -11.24 29.59
CA ALA B 95 -3.07 -11.10 28.54
C ALA B 95 -2.55 -11.71 27.23
N ALA B 96 -1.32 -11.30 26.78
CA ALA B 96 -0.68 -11.81 25.57
C ALA B 96 -0.50 -13.34 25.61
N ARG B 97 0.01 -13.88 26.75
CA ARG B 97 0.19 -15.33 26.93
C ARG B 97 -1.11 -16.13 26.72
N ALA B 98 -2.22 -15.61 27.25
CA ALA B 98 -3.56 -16.20 27.12
C ALA B 98 -4.14 -16.07 25.69
N ASP B 99 -3.64 -15.10 24.88
CA ASP B 99 -4.15 -14.83 23.52
C ASP B 99 -3.44 -15.63 22.38
N GLY B 100 -2.53 -16.53 22.70
CA GLY B 100 -1.90 -17.39 21.69
C GLY B 100 -0.39 -17.29 21.56
N ALA B 101 0.27 -16.68 22.55
CA ALA B 101 1.72 -16.53 22.63
C ALA B 101 2.09 -16.91 24.08
N PRO B 102 1.97 -18.20 24.48
CA PRO B 102 2.18 -18.55 25.90
C PRO B 102 3.61 -18.46 26.38
N ASP B 103 4.56 -18.38 25.45
CA ASP B 103 5.99 -18.29 25.73
C ASP B 103 6.55 -16.88 25.65
N ILE B 104 5.69 -15.85 25.45
CA ILE B 104 6.11 -14.45 25.30
C ILE B 104 6.68 -13.85 26.60
N GLN B 105 7.80 -13.12 26.48
CA GLN B 105 8.44 -12.41 27.58
C GLN B 105 9.09 -11.16 27.04
N ARG B 106 9.33 -10.18 27.91
CA ARG B 106 10.01 -8.93 27.58
C ARG B 106 11.45 -9.33 27.35
N ARG B 107 12.04 -8.87 26.24
CA ARG B 107 13.40 -9.17 25.82
C ARG B 107 14.09 -7.86 25.57
N LEU B 108 15.26 -7.68 26.16
CA LEU B 108 15.98 -6.42 26.07
C LEU B 108 17.14 -6.47 25.13
N LEU B 109 17.33 -5.37 24.39
CA LEU B 109 18.45 -5.23 23.47
C LEU B 109 19.66 -4.67 24.21
N ALA B 110 19.42 -3.88 25.28
CA ALA B 110 20.42 -3.28 26.16
C ALA B 110 19.70 -2.93 27.47
N PRO B 111 20.37 -2.70 28.63
CA PRO B 111 19.61 -2.40 29.85
C PRO B 111 18.79 -1.11 29.75
N TRP B 112 17.50 -1.23 30.08
CA TRP B 112 16.51 -0.16 30.05
C TRP B 112 15.46 -0.39 31.14
N ASP B 113 15.16 0.66 31.92
CA ASP B 113 14.20 0.59 33.00
C ASP B 113 13.03 1.56 32.79
N GLY B 114 13.03 2.24 31.64
CA GLY B 114 11.98 3.18 31.30
C GLY B 114 10.72 2.50 30.79
N GLU B 115 9.89 3.25 30.08
CA GLU B 115 8.65 2.74 29.49
C GLU B 115 9.03 1.77 28.35
N ARG B 116 8.35 0.63 28.30
CA ARG B 116 8.67 -0.43 27.35
C ARG B 116 7.74 -0.43 26.11
N PHE B 117 8.35 -0.60 24.91
CA PHE B 117 7.70 -0.65 23.61
C PHE B 117 7.95 -2.05 23.12
N ILE B 118 7.06 -2.98 23.47
CA ILE B 118 7.20 -4.41 23.23
C ILE B 118 6.54 -4.94 21.93
N VAL B 119 7.30 -5.67 21.09
CA VAL B 119 6.75 -6.28 19.87
C VAL B 119 5.71 -7.35 20.27
N LEU B 120 4.46 -7.19 19.80
CA LEU B 120 3.36 -8.10 20.17
C LEU B 120 3.00 -9.03 19.03
N TYR B 121 2.91 -8.45 17.84
CA TYR B 121 2.62 -9.16 16.62
C TYR B 121 3.65 -8.85 15.54
N PHE B 122 3.98 -9.85 14.72
CA PHE B 122 4.83 -9.71 13.55
C PHE B 122 4.55 -10.83 12.55
N GLU B 123 4.32 -10.46 11.28
CA GLU B 123 4.11 -11.46 10.26
C GLU B 123 4.90 -11.17 8.99
N PRO B 124 5.61 -12.14 8.47
CA PRO B 124 5.60 -13.53 8.93
C PRO B 124 6.93 -14.08 9.43
N GLU B 125 6.86 -15.07 10.32
CA GLU B 125 8.05 -15.74 10.89
C GLU B 125 8.87 -16.51 9.85
N SER B 126 8.20 -16.91 8.78
CA SER B 126 8.81 -17.66 7.70
C SER B 126 9.82 -16.81 6.96
N SER B 127 9.77 -15.52 7.23
CA SER B 127 10.66 -14.58 6.58
C SER B 127 11.91 -14.22 7.38
N GLY B 128 11.70 -13.43 8.44
CA GLY B 128 12.80 -12.96 9.25
C GLY B 128 12.96 -13.92 10.37
N ASN B 129 12.55 -13.49 11.54
CA ASN B 129 12.66 -14.34 12.68
C ASN B 129 11.61 -13.98 13.68
N ARG B 130 11.75 -14.48 14.90
CA ARG B 130 10.76 -14.21 15.93
C ARG B 130 11.14 -13.04 16.83
N PRO B 131 10.62 -11.86 16.51
CA PRO B 131 10.91 -10.68 17.33
C PRO B 131 9.93 -10.46 18.50
N LEU B 132 8.97 -11.38 18.69
CA LEU B 132 7.94 -11.27 19.72
C LEU B 132 8.52 -11.09 21.11
N GLY B 133 8.06 -10.03 21.77
CA GLY B 133 8.50 -9.64 23.10
C GLY B 133 9.73 -8.76 23.14
N LEU B 134 10.29 -8.38 21.98
CA LEU B 134 11.45 -7.48 21.90
C LEU B 134 11.05 -6.07 22.34
N ASP B 135 11.76 -5.55 23.32
CA ASP B 135 11.49 -4.21 23.82
C ASP B 135 12.33 -3.24 22.98
N VAL B 136 11.69 -2.66 22.01
CA VAL B 136 12.25 -1.72 21.03
C VAL B 136 12.74 -0.39 21.73
N ALA B 137 12.27 -0.10 22.96
CA ALA B 137 12.69 1.05 23.74
C ALA B 137 14.04 0.79 24.46
N SER B 138 14.42 -0.51 24.64
CA SER B 138 15.67 -0.89 25.32
C SER B 138 16.95 -0.54 24.51
N GLU B 139 16.78 -0.15 23.24
CA GLU B 139 17.85 0.26 22.32
C GLU B 139 17.58 1.73 21.88
N PRO B 140 18.55 2.67 22.05
CA PRO B 140 18.28 4.10 21.74
C PRO B 140 17.84 4.49 20.32
N ARG B 141 18.52 3.99 19.27
CA ARG B 141 18.18 4.30 17.87
C ARG B 141 16.69 3.96 17.53
N ARG B 142 16.21 2.78 17.98
CA ARG B 142 14.82 2.33 17.75
C ARG B 142 13.87 3.22 18.56
N ARG B 143 14.25 3.50 19.83
CA ARG B 143 13.53 4.38 20.75
C ARG B 143 13.34 5.79 20.16
N ILE B 144 14.44 6.40 19.60
CA ILE B 144 14.44 7.72 18.95
C ILE B 144 13.47 7.75 17.77
N ALA B 145 13.41 6.66 16.99
CA ALA B 145 12.50 6.56 15.84
C ALA B 145 11.06 6.39 16.28
N ALA B 146 10.81 5.62 17.40
CA ALA B 146 9.46 5.39 17.93
C ALA B 146 8.91 6.70 18.48
N ILE B 147 9.74 7.43 19.29
CA ILE B 147 9.41 8.73 19.88
C ILE B 147 9.15 9.77 18.78
N ALA B 148 10.08 9.91 17.79
CA ALA B 148 9.92 10.89 16.69
C ALA B 148 8.69 10.66 15.83
N ALA B 149 8.37 9.39 15.52
CA ALA B 149 7.17 8.99 14.77
C ALA B 149 5.93 9.34 15.58
N ALA B 150 5.93 9.05 16.90
CA ALA B 150 4.83 9.33 17.83
C ALA B 150 4.54 10.81 17.89
N ARG B 151 5.60 11.64 18.01
CA ARG B 151 5.47 13.09 18.05
C ARG B 151 5.06 13.72 16.71
N SER B 152 5.65 13.26 15.59
CA SER B 152 5.37 13.82 14.27
C SER B 152 4.07 13.32 13.63
N GLY B 153 3.78 12.03 13.76
CA GLY B 153 2.64 11.36 13.14
C GLY B 153 2.99 10.78 11.79
N GLN B 154 4.29 10.82 11.47
CA GLN B 154 4.91 10.42 10.21
C GLN B 154 5.67 9.10 10.34
N PRO B 155 5.76 8.32 9.22
CA PRO B 155 6.56 7.08 9.28
C PRO B 155 8.04 7.45 9.47
N THR B 156 8.65 6.92 10.54
CA THR B 156 10.02 7.28 10.92
C THR B 156 10.91 6.07 11.01
N MET B 157 11.97 6.12 10.20
CA MET B 157 12.99 5.09 10.11
C MET B 157 14.07 5.41 11.16
N THR B 158 14.82 4.39 11.56
CA THR B 158 15.93 4.49 12.48
C THR B 158 17.23 4.83 11.72
N SER B 159 18.29 5.04 12.50
CA SER B 159 19.67 5.14 12.09
C SER B 159 20.00 3.65 11.75
N PRO B 160 21.04 3.28 10.98
CA PRO B 160 21.29 1.84 10.76
C PRO B 160 21.41 1.03 12.07
N VAL B 161 20.82 -0.17 12.11
CA VAL B 161 20.86 -1.04 13.30
C VAL B 161 21.30 -2.49 12.95
N SER B 162 21.45 -3.34 13.98
CA SER B 162 21.73 -4.76 13.84
C SER B 162 20.39 -5.44 14.11
N LEU B 163 19.89 -6.26 13.17
CA LEU B 163 18.59 -6.90 13.38
C LEU B 163 18.70 -8.17 14.20
N SER B 164 18.49 -8.01 15.50
CA SER B 164 18.47 -9.11 16.46
C SER B 164 17.02 -9.63 16.39
N GLY B 165 16.84 -10.93 16.51
CA GLY B 165 15.48 -11.44 16.41
C GLY B 165 15.04 -11.72 15.00
N TYR B 166 15.88 -11.43 14.03
CA TYR B 166 15.54 -11.68 12.66
C TYR B 166 16.70 -12.44 12.03
N GLN B 167 17.18 -13.41 12.78
CA GLN B 167 18.27 -14.30 12.43
C GLN B 167 19.58 -13.86 13.05
N THR B 168 20.49 -14.82 13.15
CA THR B 168 21.80 -14.62 13.70
C THR B 168 22.71 -15.26 12.72
N PRO B 169 23.91 -14.77 12.50
CA PRO B 169 24.51 -13.58 13.14
C PRO B 169 23.92 -12.25 12.67
N SER B 170 24.65 -11.15 12.95
CA SER B 170 24.35 -9.75 12.63
C SER B 170 23.94 -9.54 11.22
N GLU B 171 22.89 -8.76 11.02
CA GLU B 171 22.35 -8.41 9.71
C GLU B 171 21.97 -6.95 9.87
N GLY B 172 22.64 -6.10 9.11
CA GLY B 172 22.38 -4.68 9.12
C GLY B 172 20.97 -4.43 8.61
N GLY B 173 20.29 -3.51 9.26
CA GLY B 173 18.92 -3.19 8.88
C GLY B 173 18.41 -1.88 9.41
N PHE B 174 17.08 -1.71 9.30
CA PHE B 174 16.32 -0.55 9.76
C PHE B 174 14.95 -1.01 10.25
N LEU B 175 14.32 -0.19 11.10
CA LEU B 175 12.92 -0.37 11.49
C LEU B 175 12.27 0.94 11.05
N VAL B 176 11.06 0.87 10.47
CA VAL B 176 10.24 2.04 10.13
C VAL B 176 9.01 1.93 11.01
N LEU B 177 8.78 2.94 11.83
CA LEU B 177 7.64 2.96 12.76
C LEU B 177 6.62 4.04 12.39
N LEU B 178 5.34 3.76 12.66
CA LEU B 178 4.20 4.65 12.43
C LEU B 178 3.26 4.49 13.64
N PRO B 179 2.97 5.59 14.38
CA PRO B 179 2.16 5.45 15.60
C PRO B 179 0.66 5.25 15.42
N VAL B 180 0.06 4.54 16.37
CA VAL B 180 -1.38 4.33 16.41
C VAL B 180 -1.89 5.18 17.58
N TYR B 181 -2.78 6.10 17.27
CA TYR B 181 -3.31 7.03 18.26
C TYR B 181 -4.61 6.57 18.89
N ARG B 182 -4.80 6.95 20.14
CA ARG B 182 -6.01 6.63 20.87
C ARG B 182 -7.15 7.57 20.40
N GLU B 183 -8.25 6.99 19.92
CA GLU B 183 -9.44 7.70 19.46
C GLU B 183 -9.99 8.65 20.53
N GLY B 184 -10.29 9.89 20.11
CA GLY B 184 -10.85 10.91 20.98
C GLY B 184 -9.84 11.66 21.84
N MET B 185 -8.59 11.76 21.35
CA MET B 185 -7.49 12.47 22.01
C MET B 185 -6.90 13.53 21.08
N PRO B 186 -6.58 14.71 21.59
CA PRO B 186 -6.02 15.76 20.73
C PRO B 186 -4.66 15.44 20.07
N LEU B 187 -4.52 15.78 18.79
CA LEU B 187 -3.28 15.56 18.04
C LEU B 187 -2.74 16.85 17.42
N GLN B 188 -2.90 17.99 18.12
CA GLN B 188 -2.51 19.31 17.63
C GLN B 188 -1.05 19.70 17.93
N THR B 189 -0.38 18.98 18.86
CA THR B 189 1.02 19.25 19.22
C THR B 189 1.82 17.95 19.42
N PRO B 190 3.17 17.95 19.20
CA PRO B 190 3.98 16.75 19.46
C PRO B 190 3.67 16.07 20.81
N GLN B 191 3.59 16.86 21.89
CA GLN B 191 3.30 16.35 23.21
C GLN B 191 1.93 15.73 23.32
N GLN B 192 0.89 16.38 22.73
CA GLN B 192 -0.48 15.83 22.69
C GLN B 192 -0.49 14.52 21.93
N ARG B 193 0.27 14.43 20.80
CA ARG B 193 0.40 13.25 19.94
C ARG B 193 1.11 12.12 20.68
N MET B 194 2.20 12.44 21.43
CA MET B 194 2.97 11.47 22.24
C MET B 194 2.10 10.82 23.32
N ASP B 195 1.39 11.63 24.15
CA ASP B 195 0.49 11.14 25.20
C ASP B 195 -0.68 10.30 24.64
N ALA B 196 -1.06 10.51 23.35
CA ALA B 196 -2.12 9.79 22.64
C ALA B 196 -1.71 8.42 22.03
N THR B 197 -0.39 8.16 21.86
CA THR B 197 0.11 6.92 21.25
C THR B 197 -0.10 5.71 22.16
N THR B 198 -0.71 4.64 21.61
CA THR B 198 -0.97 3.38 22.32
C THR B 198 0.00 2.28 21.91
N GLY B 199 0.54 2.40 20.70
CA GLY B 199 1.48 1.47 20.11
C GLY B 199 2.00 1.98 18.78
N TRP B 200 2.66 1.11 18.02
CA TRP B 200 3.20 1.44 16.68
C TRP B 200 3.07 0.29 15.71
N ALA B 201 2.78 0.62 14.46
CA ALA B 201 2.87 -0.31 13.35
C ALA B 201 4.33 -0.17 12.95
N TYR B 202 4.97 -1.27 12.60
CA TYR B 202 6.36 -1.22 12.22
C TYR B 202 6.69 -2.24 11.13
N ALA B 203 7.81 -2.00 10.45
CA ALA B 203 8.39 -2.85 9.43
C ALA B 203 9.91 -2.99 9.64
N PRO B 204 10.43 -4.21 9.86
CA PRO B 204 11.89 -4.37 9.90
C PRO B 204 12.40 -4.64 8.49
N LEU B 205 13.55 -4.05 8.14
CA LEU B 205 14.12 -4.30 6.82
C LEU B 205 15.60 -4.50 6.88
N SER B 206 16.09 -5.54 6.19
CA SER B 206 17.51 -5.82 6.05
C SER B 206 18.08 -5.02 4.86
N VAL B 207 19.16 -4.28 5.09
CA VAL B 207 19.89 -3.49 4.09
C VAL B 207 20.03 -4.28 2.77
N LYS B 208 20.61 -5.52 2.84
CA LYS B 208 20.87 -6.41 1.71
C LYS B 208 19.62 -6.82 0.94
N GLN B 209 18.53 -7.17 1.64
CA GLN B 209 17.28 -7.58 1.01
C GLN B 209 16.60 -6.43 0.30
N MET B 210 16.58 -5.23 0.93
CA MET B 210 15.97 -4.03 0.37
C MET B 210 16.67 -3.63 -0.94
N LEU B 211 18.01 -3.52 -0.91
CA LEU B 211 18.84 -3.11 -2.05
C LEU B 211 18.91 -4.11 -3.20
N GLU B 212 18.71 -5.42 -2.91
CA GLU B 212 18.76 -6.53 -3.88
C GLU B 212 17.67 -6.33 -4.94
N SER B 213 16.46 -5.98 -4.50
CA SER B 213 15.31 -5.74 -5.37
C SER B 213 15.51 -4.56 -6.32
N THR B 214 16.00 -3.40 -5.82
CA THR B 214 16.20 -2.15 -6.58
C THR B 214 17.40 -2.15 -7.51
N LEU B 215 18.57 -2.53 -7.00
CA LEU B 215 19.79 -2.56 -7.78
C LEU B 215 20.34 -3.98 -7.83
N GLY B 216 19.62 -4.83 -8.57
CA GLY B 216 19.96 -6.23 -8.78
C GLY B 216 21.36 -6.34 -9.35
N ASP B 217 21.52 -5.89 -10.60
CA ASP B 217 22.82 -5.89 -11.26
C ASP B 217 23.16 -4.50 -11.77
N ARG B 218 23.74 -3.70 -10.89
CA ARG B 218 24.19 -2.35 -11.21
C ARG B 218 25.72 -2.31 -11.22
N ASP B 219 26.33 -3.08 -12.15
CA ASP B 219 27.78 -3.14 -12.35
C ASP B 219 28.32 -1.88 -13.09
N ASP B 220 27.41 -0.95 -13.42
CA ASP B 220 27.75 0.31 -14.07
C ASP B 220 28.12 1.37 -13.03
N VAL B 221 27.83 1.09 -11.75
CA VAL B 221 28.12 2.02 -10.66
C VAL B 221 28.85 1.40 -9.48
N ALA B 222 29.78 2.18 -8.91
CA ALA B 222 30.53 1.90 -7.70
C ALA B 222 29.91 2.84 -6.66
N ILE B 223 28.98 2.31 -5.84
CA ILE B 223 28.22 3.12 -4.90
C ILE B 223 28.46 2.81 -3.43
N SER B 224 28.14 3.79 -2.58
CA SER B 224 28.19 3.73 -1.12
C SER B 224 27.02 4.50 -0.53
N LEU B 225 26.41 3.96 0.53
CA LEU B 225 25.28 4.58 1.24
C LEU B 225 25.56 4.69 2.71
N SER B 226 25.19 5.84 3.28
CA SER B 226 25.34 6.09 4.72
C SER B 226 24.23 7.04 5.16
N ASP B 227 24.02 7.13 6.48
CA ASP B 227 23.11 8.10 7.11
C ASP B 227 23.98 9.38 7.34
N ARG B 228 23.41 10.59 7.10
CA ARG B 228 24.15 11.86 7.25
C ARG B 228 24.68 12.13 8.67
N GLU B 229 23.95 11.65 9.71
CA GLU B 229 24.26 11.78 11.14
C GLU B 229 25.61 11.11 11.49
N ASP B 230 26.06 10.13 10.65
CA ASP B 230 27.34 9.42 10.80
C ASP B 230 27.84 8.90 9.44
N THR B 231 28.47 9.80 8.65
CA THR B 231 28.98 9.55 7.30
C THR B 231 30.25 8.70 7.27
N GLN B 232 30.95 8.65 8.42
CA GLN B 232 32.17 7.86 8.65
C GLN B 232 31.89 6.37 8.45
N HIS B 233 30.67 5.94 8.76
CA HIS B 233 30.31 4.54 8.59
C HIS B 233 29.17 4.33 7.61
N THR B 234 29.46 3.55 6.56
CA THR B 234 28.48 3.21 5.54
C THR B 234 27.68 1.96 5.95
N PHE B 235 26.43 1.83 5.45
CA PHE B 235 25.62 0.65 5.71
C PHE B 235 25.60 -0.25 4.47
N TYR B 236 26.03 0.31 3.33
CA TYR B 236 26.11 -0.40 2.05
C TYR B 236 27.24 0.11 1.16
N ARG B 237 27.91 -0.82 0.46
CA ARG B 237 29.01 -0.56 -0.48
C ARG B 237 29.01 -1.61 -1.57
N SER B 238 29.19 -1.18 -2.80
CA SER B 238 29.23 -2.11 -3.89
C SER B 238 30.07 -1.64 -5.04
N GLY B 239 30.86 -2.54 -5.57
CA GLY B 239 31.70 -2.33 -6.73
C GLY B 239 32.90 -1.45 -6.65
N ILE B 240 33.77 -1.61 -7.64
CA ILE B 240 34.97 -0.82 -7.73
C ILE B 240 34.88 0.13 -8.92
N ALA B 241 35.16 1.39 -8.66
CA ALA B 241 35.13 2.46 -9.64
C ALA B 241 36.25 2.37 -10.68
N ALA B 242 36.00 2.92 -11.89
CA ALA B 242 36.97 3.00 -12.98
C ALA B 242 38.10 3.88 -12.47
N PRO B 243 39.37 3.44 -12.58
CA PRO B 243 40.48 4.25 -12.02
C PRO B 243 40.58 5.68 -12.55
N GLU B 244 39.98 5.97 -13.73
CA GLU B 244 39.95 7.31 -14.32
C GLU B 244 39.04 8.23 -13.51
N SER B 245 37.88 7.71 -13.04
CA SER B 245 36.90 8.45 -12.24
C SER B 245 37.45 8.87 -10.87
N MET B 246 38.63 8.35 -10.51
CA MET B 246 39.30 8.64 -9.25
C MET B 246 40.18 9.89 -9.36
N ARG B 247 40.26 10.48 -10.58
CA ARG B 247 41.00 11.70 -10.88
C ARG B 247 40.21 12.93 -10.42
N ARG B 248 38.87 12.84 -10.45
CA ARG B 248 37.99 13.91 -9.97
C ARG B 248 37.25 13.47 -8.68
N ALA B 249 36.19 14.20 -8.28
CA ALA B 249 35.44 13.88 -7.08
C ALA B 249 34.27 12.92 -7.36
N ALA B 250 33.60 12.47 -6.29
CA ALA B 250 32.47 11.56 -6.42
C ALA B 250 31.16 12.34 -6.52
N HIS B 251 30.18 11.76 -7.23
CA HIS B 251 28.83 12.32 -7.35
C HIS B 251 28.09 11.97 -6.04
N THR B 252 27.56 12.99 -5.35
CA THR B 252 26.83 12.81 -4.09
C THR B 252 25.39 13.31 -4.21
N GLN B 253 24.46 12.52 -3.65
CA GLN B 253 23.02 12.79 -3.62
C GLN B 253 22.50 12.60 -2.21
N LEU B 254 21.67 13.54 -1.77
CA LEU B 254 21.01 13.51 -0.48
C LEU B 254 19.59 12.95 -0.67
N LEU B 255 19.31 11.86 0.03
CA LEU B 255 18.04 11.15 -0.07
C LEU B 255 17.25 11.28 1.25
N PRO B 256 16.20 12.12 1.29
CA PRO B 256 15.41 12.21 2.52
C PRO B 256 14.43 11.03 2.55
N ILE B 257 14.62 10.13 3.50
CA ILE B 257 13.79 8.95 3.64
C ILE B 257 13.27 8.85 5.10
N TYR B 258 11.94 8.90 5.29
CA TYR B 258 11.26 8.69 6.59
C TYR B 258 11.90 9.41 7.78
N GLY B 259 12.10 10.73 7.67
CA GLY B 259 12.68 11.57 8.71
C GLY B 259 14.18 11.51 8.88
N ARG B 260 14.83 10.65 8.07
CA ARG B 260 16.26 10.37 7.98
C ARG B 260 16.81 10.93 6.64
N THR B 261 18.13 11.16 6.55
CA THR B 261 18.78 11.57 5.31
C THR B 261 19.94 10.62 4.97
N TRP B 262 19.89 10.03 3.77
CA TRP B 262 20.90 9.12 3.28
C TRP B 262 21.78 9.80 2.26
N VAL B 263 23.09 9.57 2.35
CA VAL B 263 24.00 10.13 1.37
C VAL B 263 24.50 9.01 0.43
N LEU B 264 24.13 9.15 -0.84
CA LEU B 264 24.52 8.28 -1.94
C LEU B 264 25.75 8.90 -2.61
N THR B 265 26.84 8.15 -2.63
CA THR B 265 28.13 8.48 -3.22
C THR B 265 28.29 7.53 -4.41
N ALA B 266 28.69 8.04 -5.58
CA ALA B 266 28.84 7.21 -6.77
C ALA B 266 29.98 7.62 -7.67
N ARG B 267 30.46 6.66 -8.48
CA ARG B 267 31.50 6.76 -9.51
C ARG B 267 31.24 5.62 -10.49
N PRO B 268 31.51 5.79 -11.81
CA PRO B 268 31.26 4.70 -12.78
C PRO B 268 32.18 3.49 -12.60
N THR B 269 31.67 2.31 -13.02
CA THR B 269 32.29 0.98 -13.00
C THR B 269 32.23 0.42 -11.58
#